data_3CH2
#
_entry.id   3CH2
#
_cell.length_a   103.590
_cell.length_b   103.590
_cell.length_c   72.132
_cell.angle_alpha   90.00
_cell.angle_beta   90.00
_cell.angle_gamma   120.00
#
_symmetry.space_group_name_H-M   'H 3'
#
loop_
_entity.id
_entity.type
_entity.pdbx_description
1 polymer 'Serine-repeat antigen protein'
2 non-polymer 'CALCIUM ION'
3 water water
#
_entity_poly.entity_id   1
_entity_poly.type   'polypeptide(L)'
_entity_poly.pdbx_seq_one_letter_code
;NMFCNKEYCNRLKDENNCISNLQVEDQGNCDTSWIFASKYHLETIRCMKGYEPTKISALYVANCYKGEHKDRCDEGSSPM
EFLQIIEDYGFLPAESNYPYNYVKVGEQCPKVEDHWMNLWDNGKILHNKNEPNSLDGKGYTAYESERFHDNMDAFVKIIK
TEVMNKGSVIAYIKAENVMGYEFSGKKVQNLCGDDTADHAVNIVGYGNYVNSEGEKKSYWIVRNSWGPYWGDEGYFKVDM
YGPTHCHFNFIHSVVIFNVDLPMNN
;
_entity_poly.pdbx_strand_id   X
#
loop_
_chem_comp.id
_chem_comp.type
_chem_comp.name
_chem_comp.formula
CA non-polymer 'CALCIUM ION' 'Ca 2'
#
# COMPACT_ATOMS: atom_id res chain seq x y z
CA ASN A 1 9.76 -14.79 -19.06
C ASN A 1 9.03 -15.02 -17.73
N MET A 2 9.23 -14.11 -16.76
CA MET A 2 8.60 -14.25 -15.44
CA MET A 2 8.65 -14.24 -15.42
C MET A 2 7.80 -13.02 -15.05
N PHE A 3 7.32 -13.05 -13.81
CA PHE A 3 6.32 -12.11 -13.33
C PHE A 3 6.90 -10.86 -12.68
N CYS A 4 8.12 -10.95 -12.15
CA CYS A 4 8.71 -9.79 -11.48
C CYS A 4 10.22 -9.74 -11.54
N ASN A 5 10.73 -8.86 -12.39
CA ASN A 5 12.15 -8.56 -12.51
C ASN A 5 12.36 -7.05 -12.53
N LYS A 6 13.53 -6.61 -12.94
CA LYS A 6 13.86 -5.19 -12.82
C LYS A 6 13.19 -4.27 -13.85
N GLU A 7 12.71 -4.86 -14.96
CA GLU A 7 12.02 -4.07 -15.99
C GLU A 7 10.51 -4.17 -15.84
N TYR A 8 10.05 -5.31 -15.33
CA TYR A 8 8.62 -5.58 -15.30
C TYR A 8 8.24 -6.40 -14.11
N CYS A 9 7.21 -5.94 -13.42
CA CYS A 9 6.75 -6.67 -12.28
C CYS A 9 5.27 -6.51 -12.15
N ASN A 10 4.57 -7.61 -12.34
CA ASN A 10 3.12 -7.65 -12.15
C ASN A 10 2.68 -9.02 -11.66
N ARG A 11 2.61 -9.15 -10.34
CA ARG A 11 2.31 -10.44 -9.69
C ARG A 11 0.81 -10.76 -9.82
N LEU A 12 0.07 -9.75 -10.24
CA LEU A 12 -1.39 -9.85 -10.32
C LEU A 12 -1.75 -10.82 -11.43
N LYS A 13 -0.83 -10.96 -12.37
CA LYS A 13 -1.08 -11.64 -13.64
C LYS A 13 -0.85 -13.14 -13.50
N ASP A 14 -0.71 -13.59 -12.27
CA ASP A 14 -0.51 -15.00 -11.99
C ASP A 14 -1.49 -15.50 -10.95
N GLU A 15 -2.68 -15.87 -11.42
CA GLU A 15 -3.83 -16.20 -10.56
C GLU A 15 -3.48 -17.16 -9.42
N ASN A 16 -2.45 -17.97 -9.63
CA ASN A 16 -2.01 -18.98 -8.67
C ASN A 16 -0.78 -18.52 -7.88
N ASN A 17 -0.80 -17.24 -7.46
CA ASN A 17 0.30 -16.60 -6.73
C ASN A 17 -0.25 -15.97 -5.47
N CYS A 18 0.51 -16.09 -4.38
CA CYS A 18 0.10 -15.55 -3.04
C CYS A 18 -0.50 -14.13 -3.09
N ILE A 19 0.31 -13.22 -3.62
CA ILE A 19 -0.01 -11.79 -3.65
C ILE A 19 -1.24 -11.51 -4.49
N SER A 20 -1.45 -12.27 -5.56
CA SER A 20 -2.60 -12.02 -6.44
C SER A 20 -3.89 -12.39 -5.73
N ASN A 21 -3.75 -13.18 -4.66
CA ASN A 21 -4.88 -13.67 -3.90
C ASN A 21 -5.33 -12.71 -2.80
N LEU A 22 -4.60 -11.62 -2.65
CA LEU A 22 -4.94 -10.57 -1.70
C LEU A 22 -5.91 -9.61 -2.36
N GLN A 23 -7.21 -9.83 -2.13
CA GLN A 23 -8.31 -9.09 -2.81
C GLN A 23 -8.34 -7.61 -2.37
N VAL A 24 -8.73 -6.73 -3.29
CA VAL A 24 -8.85 -5.30 -2.99
C VAL A 24 -9.96 -5.08 -1.99
N GLU A 25 -9.75 -4.17 -1.04
CA GLU A 25 -10.70 -3.83 0.02
C GLU A 25 -11.21 -2.39 -0.11
N ASP A 26 -12.31 -2.09 0.58
CA ASP A 26 -12.88 -0.73 0.60
C ASP A 26 -12.86 -0.23 2.04
N GLN A 27 -12.12 0.84 2.26
CA GLN A 27 -12.06 1.47 3.54
C GLN A 27 -13.38 2.18 3.94
N GLY A 28 -14.27 2.35 2.98
CA GLY A 28 -15.48 3.07 3.23
C GLY A 28 -15.29 4.54 3.46
N ASN A 29 -16.24 5.09 4.20
CA ASN A 29 -16.28 6.54 4.37
C ASN A 29 -15.58 6.92 5.67
N CYS A 30 -14.43 6.26 5.93
CA CYS A 30 -13.51 6.58 7.08
C CYS A 30 -12.09 6.77 6.54
N ASP A 31 -11.33 7.64 7.20
CA ASP A 31 -9.98 7.96 6.74
CA ASP A 31 -9.97 7.97 6.77
C ASP A 31 -8.99 6.90 7.27
N THR A 32 -9.17 5.68 6.83
CA THR A 32 -8.42 4.51 7.33
C THR A 32 -7.48 3.91 6.30
N SER A 33 -7.16 4.68 5.30
CA SER A 33 -6.28 4.16 4.23
C SER A 33 -4.93 3.73 4.81
N TRP A 34 -4.50 4.43 5.85
CA TRP A 34 -3.21 4.13 6.52
C TRP A 34 -3.19 2.66 7.01
N ILE A 35 -4.37 2.14 7.38
CA ILE A 35 -4.49 0.82 7.93
C ILE A 35 -4.41 -0.14 6.75
N PHE A 36 -5.18 0.14 5.71
CA PHE A 36 -5.24 -0.76 4.56
C PHE A 36 -3.89 -0.84 3.87
N ALA A 37 -3.20 0.27 3.72
CA ALA A 37 -1.94 0.20 2.98
C ALA A 37 -0.87 -0.51 3.82
N SER A 38 -0.87 -0.20 5.10
CA SER A 38 0.12 -0.76 6.03
C SER A 38 -0.08 -2.25 6.15
N LYS A 39 -1.31 -2.68 6.30
CA LYS A 39 -1.56 -4.11 6.54
C LYS A 39 -1.28 -4.89 5.25
N TYR A 40 -1.59 -4.29 4.10
CA TYR A 40 -1.28 -4.96 2.80
C TYR A 40 0.22 -5.16 2.65
N HIS A 41 0.99 -4.14 3.02
CA HIS A 41 2.48 -4.24 2.95
C HIS A 41 2.96 -5.41 3.83
N LEU A 42 2.40 -5.55 5.03
CA LEU A 42 2.74 -6.69 5.87
C LEU A 42 2.28 -8.01 5.25
N GLU A 43 1.08 -8.00 4.70
CA GLU A 43 0.54 -9.18 4.00
C GLU A 43 1.44 -9.61 2.83
N THR A 44 1.96 -8.68 2.02
CA THR A 44 2.92 -9.09 0.96
C THR A 44 4.26 -9.56 1.46
N ILE A 45 4.76 -8.92 2.50
CA ILE A 45 5.95 -9.39 3.17
C ILE A 45 5.73 -10.84 3.66
N ARG A 46 4.57 -11.10 4.20
CA ARG A 46 4.27 -12.47 4.65
C ARG A 46 4.24 -13.45 3.47
N CYS A 47 3.56 -13.05 2.40
CA CYS A 47 3.56 -13.85 1.17
C CYS A 47 4.99 -14.15 0.75
N MET A 48 5.84 -13.13 0.73
CA MET A 48 7.23 -13.35 0.27
C MET A 48 7.99 -14.35 1.15
N LYS A 49 7.52 -14.54 2.37
CA LYS A 49 8.17 -15.44 3.33
C LYS A 49 7.44 -16.78 3.40
N GLY A 50 6.52 -16.99 2.49
CA GLY A 50 5.95 -18.34 2.33
C GLY A 50 4.67 -18.58 3.09
N TYR A 51 4.11 -17.52 3.66
CA TYR A 51 2.87 -17.63 4.40
C TYR A 51 1.69 -17.51 3.47
N GLU A 52 0.52 -17.88 3.99
CA GLU A 52 -0.73 -17.83 3.23
C GLU A 52 -1.20 -16.38 3.10
N PRO A 53 -2.01 -16.10 2.09
CA PRO A 53 -2.53 -14.77 1.89
C PRO A 53 -3.71 -14.43 2.83
N THR A 54 -3.47 -14.48 4.13
CA THR A 54 -4.54 -14.23 5.11
C THR A 54 -4.57 -12.77 5.44
N LYS A 55 -5.74 -12.17 5.30
CA LYS A 55 -5.95 -10.76 5.59
C LYS A 55 -5.92 -10.46 7.07
N ILE A 56 -5.24 -9.37 7.37
CA ILE A 56 -5.19 -8.78 8.71
C ILE A 56 -6.47 -7.96 8.96
N SER A 57 -6.96 -8.03 10.19
CA SER A 57 -8.12 -7.23 10.59
C SER A 57 -7.78 -5.74 10.67
N ALA A 58 -8.18 -4.98 9.67
CA ALA A 58 -8.16 -3.53 9.73
C ALA A 58 -8.94 -2.99 10.90
N LEU A 59 -10.08 -3.64 11.22
CA LEU A 59 -10.92 -3.11 12.33
C LEU A 59 -10.20 -3.19 13.69
N TYR A 60 -9.47 -4.28 13.90
CA TYR A 60 -8.73 -4.42 15.15
C TYR A 60 -7.74 -3.27 15.30
N VAL A 61 -7.04 -2.97 14.23
CA VAL A 61 -6.04 -1.88 14.25
C VAL A 61 -6.69 -0.50 14.45
N ALA A 62 -7.88 -0.32 13.88
CA ALA A 62 -8.61 0.94 14.00
C ALA A 62 -9.11 1.16 15.40
N ASN A 63 -9.47 0.06 16.07
CA ASN A 63 -10.18 0.16 17.33
C ASN A 63 -9.30 -0.08 18.59
N CYS A 64 -8.10 -0.62 18.38
CA CYS A 64 -7.19 -0.98 19.49
C CYS A 64 -5.96 -0.11 19.48
N TYR A 65 -5.83 0.69 20.52
CA TYR A 65 -4.81 1.72 20.57
C TYR A 65 -4.75 2.27 21.97
N LYS A 66 -3.53 2.55 22.42
CA LYS A 66 -3.34 3.03 23.78
C LYS A 66 -3.62 4.52 23.84
N GLY A 67 -3.91 4.99 25.03
CA GLY A 67 -4.16 6.40 25.26
C GLY A 67 -5.60 6.83 25.12
N GLU A 68 -5.76 8.15 25.04
CA GLU A 68 -7.08 8.77 24.99
C GLU A 68 -7.78 8.33 23.72
N HIS A 69 -9.10 8.25 23.82
CA HIS A 69 -9.96 7.96 22.68
C HIS A 69 -9.79 8.99 21.57
N LYS A 70 -9.58 8.48 20.34
CA LYS A 70 -9.38 9.27 19.13
C LYS A 70 -10.52 9.05 18.13
N ASP A 71 -10.72 9.99 17.22
CA ASP A 71 -11.71 9.84 16.14
C ASP A 71 -11.04 9.18 14.96
N ARG A 72 -11.13 7.86 14.91
CA ARG A 72 -10.35 7.06 13.97
C ARG A 72 -11.07 6.99 12.61
N CYS A 73 -12.22 7.63 12.52
CA CYS A 73 -12.92 7.62 11.25
C CYS A 73 -12.69 8.93 10.50
N ASP A 74 -12.53 10.03 11.24
CA ASP A 74 -12.39 11.35 10.64
C ASP A 74 -10.96 11.81 10.47
N GLU A 75 -10.05 11.05 11.04
CA GLU A 75 -8.69 11.50 11.06
C GLU A 75 -7.82 10.32 10.79
N GLY A 76 -7.07 10.42 9.72
CA GLY A 76 -6.22 9.35 9.35
C GLY A 76 -4.97 9.39 10.20
N SER A 77 -4.17 8.35 10.05
CA SER A 77 -2.90 8.34 10.71
C SER A 77 -1.80 7.92 9.75
N SER A 78 -0.76 7.37 10.32
CA SER A 78 0.43 7.05 9.54
C SER A 78 0.74 5.58 9.69
N PRO A 79 1.65 5.09 8.88
CA PRO A 79 2.22 3.77 9.02
C PRO A 79 3.05 3.61 10.27
N MET A 80 3.66 4.69 10.74
CA MET A 80 4.43 4.55 11.97
C MET A 80 3.45 4.16 13.10
N GLU A 81 2.24 4.71 13.07
CA GLU A 81 1.26 4.32 14.08
C GLU A 81 0.83 2.86 13.95
N PHE A 82 0.80 2.36 12.74
CA PHE A 82 0.46 0.96 12.53
C PHE A 82 1.47 0.03 13.26
N LEU A 83 2.74 0.36 13.16
CA LEU A 83 3.78 -0.50 13.78
C LEU A 83 3.66 -0.37 15.29
N GLN A 84 3.40 0.85 15.73
CA GLN A 84 3.27 1.21 17.14
C GLN A 84 2.20 0.31 17.81
N ILE A 85 1.08 0.20 17.13
CA ILE A 85 -0.03 -0.65 17.55
C ILE A 85 0.38 -2.14 17.64
N ILE A 86 1.08 -2.64 16.62
CA ILE A 86 1.59 -4.03 16.61
C ILE A 86 2.46 -4.35 17.81
N GLU A 87 3.37 -3.43 18.05
CA GLU A 87 4.40 -3.65 19.04
C GLU A 87 3.74 -3.56 20.42
N ASP A 88 2.64 -2.82 20.50
CA ASP A 88 1.90 -2.63 21.76
C ASP A 88 1.04 -3.83 22.14
N TYR A 89 0.46 -4.47 21.13
CA TYR A 89 -0.62 -5.45 21.32
C TYR A 89 -0.13 -6.86 21.02
N GLY A 90 0.90 -6.96 20.18
CA GLY A 90 1.53 -8.24 19.88
C GLY A 90 0.62 -9.20 19.12
N PHE A 91 -0.56 -8.69 18.74
CA PHE A 91 -1.61 -9.53 18.09
C PHE A 91 -2.20 -8.84 16.90
N LEU A 92 -2.17 -9.54 15.77
CA LEU A 92 -2.85 -9.05 14.60
C LEU A 92 -3.84 -10.11 14.24
N PRO A 93 -5.11 -9.93 14.64
CA PRO A 93 -6.05 -10.95 14.24
C PRO A 93 -6.23 -10.98 12.74
N ALA A 94 -6.77 -12.09 12.27
CA ALA A 94 -7.18 -12.27 10.91
C ALA A 94 -8.50 -11.55 10.76
N GLU A 95 -8.72 -11.06 9.56
CA GLU A 95 -9.93 -10.33 9.18
C GLU A 95 -11.16 -11.15 9.53
N SER A 96 -11.07 -12.45 9.38
CA SER A 96 -12.24 -13.31 9.63
C SER A 96 -12.62 -13.30 11.09
N ASN A 97 -11.66 -12.99 11.96
CA ASN A 97 -11.93 -13.05 13.40
C ASN A 97 -12.66 -11.78 13.83
N TYR A 98 -12.42 -10.69 13.11
CA TYR A 98 -12.95 -9.35 13.40
C TYR A 98 -13.07 -8.55 12.12
N PRO A 99 -14.10 -8.82 11.32
CA PRO A 99 -14.23 -8.24 10.00
C PRO A 99 -14.50 -6.76 9.96
N TYR A 100 -14.06 -6.10 8.90
CA TYR A 100 -14.19 -4.66 8.78
C TYR A 100 -15.54 -4.18 8.29
N ASN A 101 -16.00 -3.15 8.97
CA ASN A 101 -17.14 -2.39 8.50
C ASN A 101 -16.94 -0.99 9.01
N TYR A 102 -16.93 -0.03 8.12
CA TYR A 102 -16.48 1.30 8.53
C TYR A 102 -17.33 1.94 9.59
N VAL A 103 -18.60 1.56 9.67
CA VAL A 103 -19.49 2.17 10.64
C VAL A 103 -19.18 1.66 12.06
N LYS A 104 -18.27 0.69 12.13
CA LYS A 104 -17.89 0.07 13.38
C LYS A 104 -16.54 0.61 13.87
N VAL A 105 -15.90 1.48 13.08
CA VAL A 105 -14.63 2.10 13.49
C VAL A 105 -14.96 2.99 14.66
N GLY A 106 -14.39 2.71 15.83
CA GLY A 106 -14.81 3.42 17.04
C GLY A 106 -15.29 2.53 18.17
N GLU A 107 -15.62 1.31 17.82
CA GLU A 107 -16.07 0.31 18.76
C GLU A 107 -14.96 0.00 19.76
N GLN A 108 -15.37 -0.48 20.92
CA GLN A 108 -14.41 -0.97 21.93
C GLN A 108 -13.51 -2.01 21.28
N CYS A 109 -12.21 -1.88 21.49
CA CYS A 109 -11.24 -2.93 21.15
C CYS A 109 -11.76 -4.25 21.70
N PRO A 110 -11.94 -5.28 20.85
CA PRO A 110 -12.44 -6.58 21.29
C PRO A 110 -11.42 -7.45 22.01
N LYS A 111 -11.95 -8.29 22.89
CA LYS A 111 -11.15 -9.29 23.59
C LYS A 111 -10.73 -10.33 22.58
N VAL A 112 -9.43 -10.64 22.60
CA VAL A 112 -8.88 -11.67 21.73
C VAL A 112 -9.44 -12.98 22.23
N GLU A 113 -9.81 -13.83 21.29
CA GLU A 113 -10.36 -15.13 21.61
C GLU A 113 -9.38 -16.23 21.31
N ASP A 114 -9.60 -17.37 21.94
CA ASP A 114 -8.69 -18.50 21.83
C ASP A 114 -8.52 -18.94 20.37
N HIS A 115 -9.62 -18.90 19.64
CA HIS A 115 -9.69 -19.50 18.31
C HIS A 115 -9.14 -18.53 17.27
N TRP A 116 -8.78 -17.34 17.74
CA TRP A 116 -8.29 -16.30 16.82
C TRP A 116 -6.87 -16.62 16.37
N MET A 117 -6.59 -16.31 15.10
CA MET A 117 -5.25 -16.50 14.54
CA MET A 117 -5.25 -16.50 14.53
C MET A 117 -4.42 -15.24 14.66
N ASN A 118 -3.18 -15.42 15.10
CA ASN A 118 -2.24 -14.31 15.22
C ASN A 118 -1.31 -14.18 14.03
N LEU A 119 -1.62 -13.22 13.18
CA LEU A 119 -0.88 -13.03 11.94
C LEU A 119 0.45 -12.33 12.19
N TRP A 120 0.79 -12.07 13.45
CA TRP A 120 2.10 -11.51 13.73
C TRP A 120 2.88 -12.40 14.62
N ASP A 121 2.56 -13.68 14.55
CA ASP A 121 3.27 -14.70 15.30
C ASP A 121 4.72 -14.78 14.81
N ASN A 122 5.66 -14.89 15.74
CA ASN A 122 7.09 -15.08 15.43
C ASN A 122 7.70 -13.91 14.68
N GLY A 123 6.87 -12.88 14.46
CA GLY A 123 7.33 -11.66 13.83
C GLY A 123 8.04 -10.74 14.80
N LYS A 124 8.90 -9.90 14.25
CA LYS A 124 9.36 -8.74 14.97
C LYS A 124 9.91 -7.67 14.06
N ILE A 125 10.09 -6.52 14.68
CA ILE A 125 10.47 -5.33 13.97
C ILE A 125 11.93 -5.06 14.21
N LEU A 126 12.64 -4.83 13.11
CA LEU A 126 14.11 -4.71 13.13
C LEU A 126 14.58 -3.31 13.59
N HIS A 127 15.72 -3.30 14.29
CA HIS A 127 16.44 -2.05 14.66
C HIS A 127 17.52 -1.71 13.64
N GLY A 137 16.94 2.83 13.46
CA GLY A 137 16.43 1.94 14.52
C GLY A 137 14.93 2.04 14.72
N LYS A 138 14.28 2.71 13.79
CA LYS A 138 12.87 3.09 13.95
C LYS A 138 11.87 1.96 13.60
N GLY A 139 12.27 1.02 12.73
CA GLY A 139 11.40 -0.08 12.34
C GLY A 139 10.78 0.08 10.98
N TYR A 140 11.02 1.24 10.39
CA TYR A 140 10.67 1.52 9.02
C TYR A 140 11.74 2.42 8.38
N THR A 141 11.70 2.42 7.05
CA THR A 141 12.50 3.32 6.18
C THR A 141 11.57 4.10 5.28
N ALA A 142 11.84 5.39 5.18
CA ALA A 142 11.00 6.28 4.40
C ALA A 142 11.84 7.11 3.48
N TYR A 143 11.24 7.43 2.32
CA TYR A 143 11.85 8.27 1.29
C TYR A 143 10.87 9.31 0.75
N GLU A 144 11.40 10.51 0.48
CA GLU A 144 10.59 11.60 -0.07
C GLU A 144 10.97 11.91 -1.50
N SER A 145 10.01 11.82 -2.42
CA SER A 145 10.34 12.04 -3.81
C SER A 145 11.02 13.36 -4.02
N GLU A 146 10.59 14.38 -3.29
CA GLU A 146 11.11 15.73 -3.57
C GLU A 146 12.61 15.82 -3.25
N ARG A 147 13.09 14.94 -2.37
CA ARG A 147 14.51 14.90 -2.05
C ARG A 147 15.34 14.21 -3.13
N PHE A 148 14.66 13.62 -4.10
CA PHE A 148 15.31 12.93 -5.21
C PHE A 148 15.02 13.68 -6.49
N HIS A 149 14.58 14.92 -6.34
CA HIS A 149 14.08 15.68 -7.50
C HIS A 149 15.07 15.60 -8.66
N ASP A 150 16.34 15.60 -8.34
CA ASP A 150 17.36 15.61 -9.39
C ASP A 150 18.07 14.26 -9.48
N ASN A 151 17.56 13.23 -8.81
CA ASN A 151 18.02 11.86 -9.15
C ASN A 151 16.91 10.88 -8.93
N MET A 152 15.90 11.04 -9.77
CA MET A 152 14.68 10.27 -9.68
C MET A 152 14.94 8.82 -10.11
N ASP A 153 16.04 8.60 -10.83
CA ASP A 153 16.35 7.26 -11.29
C ASP A 153 16.66 6.43 -10.04
N ALA A 154 17.25 7.07 -9.04
CA ALA A 154 17.66 6.43 -7.79
C ALA A 154 16.46 6.05 -6.90
N PHE A 155 15.47 6.92 -6.90
CA PHE A 155 14.18 6.77 -6.20
C PHE A 155 13.44 5.58 -6.83
N VAL A 156 13.44 5.55 -8.14
CA VAL A 156 12.77 4.49 -8.87
C VAL A 156 13.39 3.14 -8.54
N LYS A 157 14.72 3.11 -8.52
CA LYS A 157 15.46 1.87 -8.24
C LYS A 157 15.19 1.35 -6.81
N ILE A 158 15.15 2.25 -5.83
CA ILE A 158 14.84 1.90 -4.46
C ILE A 158 13.47 1.22 -4.38
N ILE A 159 12.48 1.84 -5.02
CA ILE A 159 11.10 1.33 -4.97
C ILE A 159 11.01 -0.03 -5.69
N LYS A 160 11.62 -0.13 -6.87
CA LYS A 160 11.60 -1.43 -7.60
C LYS A 160 12.19 -2.56 -6.77
N THR A 161 13.32 -2.29 -6.15
CA THR A 161 13.98 -3.29 -5.33
C THR A 161 13.11 -3.77 -4.19
N GLU A 162 12.45 -2.84 -3.52
CA GLU A 162 11.54 -3.15 -2.42
C GLU A 162 10.29 -3.87 -2.91
N VAL A 163 9.79 -3.45 -4.05
CA VAL A 163 8.66 -4.19 -4.60
C VAL A 163 9.02 -5.64 -4.89
N MET A 164 10.21 -5.84 -5.42
CA MET A 164 10.69 -7.20 -5.78
CA MET A 164 10.66 -7.19 -5.78
C MET A 164 10.86 -8.06 -4.54
N ASN A 165 11.42 -7.47 -3.50
CA ASN A 165 11.83 -8.20 -2.31
C ASN A 165 10.76 -8.36 -1.27
N LYS A 166 9.92 -7.35 -1.13
CA LYS A 166 8.91 -7.35 -0.06
C LYS A 166 7.48 -7.47 -0.58
N GLY A 167 7.33 -7.39 -1.89
CA GLY A 167 6.02 -7.45 -2.60
C GLY A 167 5.23 -6.17 -2.85
N SER A 168 5.67 -5.12 -2.20
CA SER A 168 5.00 -3.84 -2.23
C SER A 168 5.85 -2.84 -1.44
N VAL A 169 5.55 -1.55 -1.67
CA VAL A 169 5.85 -0.50 -0.69
C VAL A 169 4.56 0.23 -0.33
N ILE A 170 4.63 0.96 0.77
CA ILE A 170 3.56 1.93 1.09
C ILE A 170 3.91 3.26 0.46
N ALA A 171 2.93 3.89 -0.21
CA ALA A 171 3.18 5.19 -0.77
C ALA A 171 2.10 6.17 -0.32
N TYR A 172 2.47 7.44 -0.22
CA TYR A 172 1.50 8.52 0.09
C TYR A 172 1.34 9.42 -1.10
N ILE A 173 0.08 9.67 -1.41
CA ILE A 173 -0.33 10.59 -2.44
C ILE A 173 -1.39 11.57 -1.91
N LYS A 174 -1.69 12.58 -2.72
CA LYS A 174 -2.81 13.47 -2.46
CA LYS A 174 -2.81 13.47 -2.48
C LYS A 174 -3.99 12.87 -3.19
N ALA A 175 -5.02 12.48 -2.45
CA ALA A 175 -6.16 11.81 -3.09
C ALA A 175 -6.72 12.57 -4.29
N GLU A 176 -6.80 13.89 -4.17
CA GLU A 176 -7.36 14.69 -5.26
CA GLU A 176 -7.32 14.76 -5.25
C GLU A 176 -6.69 14.41 -6.59
N ASN A 177 -5.44 14.02 -6.56
CA ASN A 177 -4.74 13.85 -7.83
C ASN A 177 -5.26 12.64 -8.63
N VAL A 178 -6.02 11.76 -7.96
CA VAL A 178 -6.68 10.62 -8.62
C VAL A 178 -8.19 10.74 -8.69
N MET A 179 -8.68 11.95 -8.59
CA MET A 179 -10.11 12.20 -8.55
C MET A 179 -10.55 12.97 -9.79
N GLY A 180 -9.73 12.97 -10.80
CA GLY A 180 -10.06 13.53 -12.10
C GLY A 180 -11.31 12.91 -12.68
N TYR A 181 -12.11 13.75 -13.33
CA TYR A 181 -13.45 13.37 -13.77
C TYR A 181 -13.43 12.25 -14.81
N GLU A 182 -12.32 12.12 -15.52
CA GLU A 182 -12.16 11.09 -16.55
CA GLU A 182 -12.18 11.08 -16.54
C GLU A 182 -11.07 10.11 -16.16
N PHE A 183 -10.94 9.89 -14.87
CA PHE A 183 -9.98 8.92 -14.37
C PHE A 183 -10.39 7.55 -14.94
N SER A 184 -9.41 6.83 -15.47
CA SER A 184 -9.59 5.44 -15.98
C SER A 184 -8.48 4.54 -15.47
N GLY A 185 -8.89 3.38 -14.95
CA GLY A 185 -7.96 2.44 -14.41
C GLY A 185 -7.03 1.83 -15.44
N LYS A 186 -7.54 1.65 -16.65
CA LYS A 186 -6.81 0.91 -17.70
C LYS A 186 -5.74 1.77 -18.40
N LYS A 187 -6.03 3.06 -18.53
CA LYS A 187 -5.06 4.02 -19.07
C LYS A 187 -3.92 4.23 -18.09
N VAL A 188 -2.72 4.44 -18.56
CA VAL A 188 -1.67 4.91 -17.68
C VAL A 188 -1.89 6.41 -17.46
N GLN A 189 -2.06 6.81 -16.21
CA GLN A 189 -2.35 8.20 -15.81
C GLN A 189 -1.06 8.95 -15.84
N ASN A 190 -1.10 10.15 -16.35
CA ASN A 190 0.10 11.03 -16.34
C ASN A 190 -0.29 12.19 -15.41
N LEU A 191 0.13 12.09 -14.16
CA LEU A 191 -0.36 12.90 -13.08
C LEU A 191 0.74 13.65 -12.36
N CYS A 192 0.41 14.86 -11.92
CA CYS A 192 1.21 15.62 -11.01
C CYS A 192 0.90 15.21 -9.58
N GLY A 193 1.83 15.54 -8.69
CA GLY A 193 1.63 15.43 -7.28
C GLY A 193 1.43 16.80 -6.67
N ASP A 194 1.44 16.83 -5.34
CA ASP A 194 1.23 18.08 -4.61
CA ASP A 194 1.22 18.03 -4.53
C ASP A 194 2.35 18.20 -3.54
N ASP A 195 2.43 19.35 -2.90
CA ASP A 195 3.50 19.52 -1.92
C ASP A 195 3.26 18.63 -0.70
N THR A 196 1.99 18.25 -0.47
CA THR A 196 1.64 17.41 0.70
C THR A 196 0.89 16.19 0.20
N ALA A 197 0.57 15.27 1.11
CA ALA A 197 -0.20 14.05 0.79
C ALA A 197 -1.25 13.83 1.89
N ASP A 198 -2.23 12.98 1.63
CA ASP A 198 -3.27 12.70 2.57
C ASP A 198 -3.88 11.31 2.49
N HIS A 199 -3.29 10.43 1.68
CA HIS A 199 -3.93 9.13 1.37
C HIS A 199 -2.84 8.10 1.11
N ALA A 200 -2.91 6.97 1.82
CA ALA A 200 -1.95 5.87 1.67
C ALA A 200 -2.47 4.91 0.60
N VAL A 201 -1.56 4.50 -0.26
CA VAL A 201 -1.81 3.45 -1.26
C VAL A 201 -0.64 2.49 -1.23
N ASN A 202 -0.59 1.55 -2.15
CA ASN A 202 0.62 0.70 -2.25
C ASN A 202 1.10 0.66 -3.68
N ILE A 203 2.40 0.70 -3.87
CA ILE A 203 2.98 0.34 -5.17
C ILE A 203 3.32 -1.14 -5.13
N VAL A 204 2.77 -1.88 -6.11
CA VAL A 204 2.81 -3.30 -6.17
C VAL A 204 3.45 -3.88 -7.45
N GLY A 205 3.82 -3.01 -8.38
CA GLY A 205 4.45 -3.41 -9.62
C GLY A 205 4.76 -2.26 -10.50
N TYR A 206 5.17 -2.59 -11.72
CA TYR A 206 5.69 -1.57 -12.65
C TYR A 206 5.97 -2.22 -14.00
N GLY A 207 6.16 -1.37 -14.99
CA GLY A 207 6.51 -1.82 -16.32
C GLY A 207 6.75 -0.62 -17.24
N ASN A 208 7.05 -0.94 -18.49
CA ASN A 208 7.35 0.08 -19.46
C ASN A 208 6.18 0.12 -20.43
N TYR A 209 5.96 1.29 -21.02
CA TYR A 209 4.89 1.47 -22.01
C TYR A 209 5.27 2.50 -23.05
N VAL A 210 4.52 2.56 -24.16
CA VAL A 210 4.74 3.63 -25.13
C VAL A 210 3.55 4.58 -24.98
N ASN A 211 3.84 5.86 -24.73
CA ASN A 211 2.76 6.80 -24.44
C ASN A 211 2.08 7.34 -25.70
N SER A 212 1.16 8.30 -25.53
CA SER A 212 0.31 8.74 -26.63
C SER A 212 1.11 9.43 -27.72
N GLU A 213 2.30 9.91 -27.34
CA GLU A 213 3.21 10.56 -28.27
C GLU A 213 4.29 9.63 -28.84
N GLY A 214 4.19 8.34 -28.56
CA GLY A 214 5.06 7.36 -29.19
C GLY A 214 6.37 7.20 -28.45
N GLU A 215 6.42 7.79 -27.27
CA GLU A 215 7.66 7.76 -26.49
CA GLU A 215 7.64 7.79 -26.45
C GLU A 215 7.63 6.70 -25.38
N LYS A 216 8.81 6.10 -25.18
CA LYS A 216 9.00 5.07 -24.15
C LYS A 216 8.98 5.68 -22.76
N LYS A 217 8.14 5.13 -21.90
CA LYS A 217 7.95 5.66 -20.56
C LYS A 217 7.80 4.45 -19.62
N SER A 218 7.66 4.71 -18.33
CA SER A 218 7.43 3.65 -17.38
CA SER A 218 7.41 3.65 -17.38
C SER A 218 6.30 4.02 -16.43
N TYR A 219 5.67 3.00 -15.84
CA TYR A 219 4.56 3.16 -14.90
C TYR A 219 4.72 2.32 -13.62
N TRP A 220 4.15 2.86 -12.55
CA TRP A 220 3.87 2.11 -11.32
C TRP A 220 2.49 1.54 -11.41
N ILE A 221 2.34 0.34 -10.88
CA ILE A 221 1.04 -0.22 -10.62
C ILE A 221 0.74 0.06 -9.15
N VAL A 222 -0.38 0.75 -8.92
CA VAL A 222 -0.76 1.22 -7.58
C VAL A 222 -2.09 0.55 -7.14
N ARG A 223 -2.07 0.01 -5.93
CA ARG A 223 -3.22 -0.56 -5.26
C ARG A 223 -3.87 0.50 -4.40
N ASN A 224 -5.17 0.62 -4.54
CA ASN A 224 -5.93 1.51 -3.68
C ASN A 224 -6.88 0.70 -2.74
N SER A 225 -7.53 1.40 -1.80
CA SER A 225 -8.50 0.80 -0.87
C SER A 225 -9.89 1.41 -1.01
N TRP A 226 -10.34 1.60 -2.25
CA TRP A 226 -11.67 2.15 -2.54
C TRP A 226 -12.54 1.12 -3.24
N GLY A 227 -12.22 -0.15 -3.01
CA GLY A 227 -13.02 -1.23 -3.49
C GLY A 227 -12.53 -1.58 -4.87
N PRO A 228 -12.94 -2.75 -5.36
CA PRO A 228 -12.59 -3.20 -6.69
C PRO A 228 -13.43 -2.58 -7.79
N TYR A 229 -14.44 -1.76 -7.53
CA TYR A 229 -15.12 -1.10 -8.65
CA TYR A 229 -15.12 -1.09 -8.65
C TYR A 229 -14.29 0.10 -9.14
N TRP A 230 -13.67 0.81 -8.20
CA TRP A 230 -12.87 1.98 -8.50
C TRP A 230 -11.67 1.59 -9.37
N GLY A 231 -11.30 2.44 -10.33
CA GLY A 231 -10.13 2.17 -11.14
C GLY A 231 -10.19 0.88 -11.90
N ASP A 232 -9.03 0.26 -12.04
CA ASP A 232 -8.90 -1.01 -12.77
C ASP A 232 -8.91 -2.13 -11.75
N GLU A 233 -10.09 -2.59 -11.45
CA GLU A 233 -10.24 -3.63 -10.45
CA GLU A 233 -10.28 -3.62 -10.44
C GLU A 233 -9.64 -3.23 -9.11
N GLY A 234 -9.63 -1.92 -8.87
CA GLY A 234 -9.12 -1.32 -7.59
C GLY A 234 -7.69 -0.83 -7.64
N TYR A 235 -7.05 -1.09 -8.76
CA TYR A 235 -5.70 -0.62 -9.04
C TYR A 235 -5.73 0.43 -10.11
N PHE A 236 -4.58 1.05 -10.28
CA PHE A 236 -4.34 1.88 -11.45
C PHE A 236 -2.87 1.90 -11.83
N LYS A 237 -2.59 2.43 -13.02
CA LYS A 237 -1.20 2.60 -13.47
C LYS A 237 -0.96 4.08 -13.58
N VAL A 238 0.24 4.49 -13.21
CA VAL A 238 0.62 5.89 -13.25
C VAL A 238 2.07 6.08 -13.70
N ASP A 239 2.29 7.06 -14.57
CA ASP A 239 3.62 7.36 -15.07
C ASP A 239 4.58 7.70 -13.90
N MET A 240 5.75 7.05 -13.87
CA MET A 240 6.68 7.20 -12.75
CA MET A 240 6.70 7.19 -12.77
C MET A 240 7.21 8.61 -12.62
N TYR A 241 7.35 9.28 -13.75
CA TYR A 241 7.96 10.61 -13.76
C TYR A 241 6.95 11.72 -13.93
N GLY A 242 5.87 11.45 -14.68
CA GLY A 242 4.78 12.38 -14.90
C GLY A 242 5.03 13.49 -15.89
N PRO A 243 4.07 14.43 -16.02
CA PRO A 243 4.25 15.60 -16.88
C PRO A 243 5.46 16.45 -16.50
N THR A 244 6.19 16.88 -17.52
CA THR A 244 7.43 17.65 -17.34
C THR A 244 7.21 18.86 -16.41
N HIS A 245 6.07 19.49 -16.57
CA HIS A 245 5.84 20.78 -15.90
C HIS A 245 5.52 20.63 -14.42
N CYS A 246 5.29 19.40 -13.93
CA CYS A 246 4.89 19.26 -12.52
C CYS A 246 6.04 19.61 -11.54
N HIS A 247 5.72 20.42 -10.55
CA HIS A 247 6.70 20.77 -9.53
C HIS A 247 6.93 19.58 -8.60
N PHE A 248 5.89 18.78 -8.39
CA PHE A 248 5.94 17.61 -7.46
C PHE A 248 5.57 16.29 -8.07
N ASN A 249 6.30 15.24 -7.67
CA ASN A 249 5.96 13.92 -8.18
C ASN A 249 4.68 13.37 -7.58
N PHE A 250 3.96 12.61 -8.39
CA PHE A 250 2.69 12.05 -7.99
C PHE A 250 2.84 11.20 -6.71
N ILE A 251 3.93 10.45 -6.63
CA ILE A 251 4.29 9.72 -5.38
C ILE A 251 5.02 10.71 -4.45
N HIS A 252 4.37 11.07 -3.35
CA HIS A 252 4.94 12.09 -2.43
C HIS A 252 5.99 11.42 -1.53
N SER A 253 5.60 10.30 -0.91
CA SER A 253 6.46 9.58 -0.02
C SER A 253 6.28 8.08 -0.17
N VAL A 254 7.30 7.34 0.21
CA VAL A 254 7.31 5.88 0.26
C VAL A 254 7.79 5.47 1.65
N VAL A 255 7.15 4.42 2.19
CA VAL A 255 7.51 3.83 3.49
C VAL A 255 7.62 2.33 3.34
N ILE A 256 8.69 1.78 3.91
CA ILE A 256 8.94 0.36 3.98
C ILE A 256 9.11 -0.09 5.41
N PHE A 257 8.43 -1.18 5.76
CA PHE A 257 8.61 -1.82 7.05
C PHE A 257 9.81 -2.78 7.07
N ASN A 258 10.59 -2.68 8.15
CA ASN A 258 11.76 -3.52 8.38
C ASN A 258 11.45 -4.56 9.45
N VAL A 259 10.91 -5.67 8.99
CA VAL A 259 10.35 -6.68 9.87
C VAL A 259 11.18 -7.93 9.72
N ASP A 260 11.36 -8.66 10.80
CA ASP A 260 12.05 -9.96 10.73
C ASP A 260 11.02 -11.07 10.82
N LEU A 261 10.98 -11.90 9.80
CA LEU A 261 10.00 -12.98 9.74
C LEU A 261 10.66 -14.22 9.15
N PRO A 262 10.67 -15.31 9.94
CA PRO A 262 11.25 -16.60 9.52
C PRO A 262 10.57 -17.09 8.25
N MET A 263 11.33 -17.74 7.41
CA MET A 263 10.97 -17.86 6.01
C MET A 263 10.27 -19.16 5.65
N ASN A 264 9.07 -19.35 6.19
CA ASN A 264 8.14 -20.35 5.68
C ASN A 264 7.01 -20.63 6.63
N ASN A 265 5.79 -20.68 6.13
CA ASN A 265 4.70 -21.21 6.92
C ASN A 265 3.33 -20.85 6.35
CA CA B . -0.92 21.82 -1.85
#